data_2JG5
#
_entry.id   2JG5
#
_cell.length_a   85.010
_cell.length_b   160.260
_cell.length_c   40.740
_cell.angle_alpha   90.00
_cell.angle_beta   90.00
_cell.angle_gamma   90.00
#
_symmetry.space_group_name_H-M   'P 21 21 21'
#
loop_
_entity.id
_entity.type
_entity.pdbx_description
1 polymer 'FRUCTOSE 1-PHOSPHATE KINASE'
2 water water
#
_entity_poly.entity_id   1
_entity_poly.type   'polypeptide(L)'
_entity_poly.pdbx_seq_one_letter_code
;MIYTVTFNPSIDYVIFTNDFKIDGLNRATATYKFAGGKGINVSRVLKTLDVESTALGFAGGFPGKFIIDTLNNSAIQSNF
IEVDEDTRINVKLKTGQETEINAPGPHITSTQFEQLLQQIKNTTSEDIVIVAGSVPSSIPSDAYAQIAQITAQTGAKLVV
DAEKELAESVLPYHPLFIKPNKDELEVMFNTTVNSDADVIKYGRLLVDKGAQSVIVSLGGDGAIYIDKEISIKAVNPQGK
VVNTVGSGDSTVAGMVAGIASGLSIEKAFQQAVACGTATAFDEDLATRDAIEKIKSQVTISVLDGE
;
_entity_poly.pdbx_strand_id   A,B
#
# COMPACT_ATOMS: atom_id res chain seq x y z
N MET A 1 22.39 -23.69 -9.33
CA MET A 1 21.40 -22.65 -8.91
C MET A 1 22.01 -21.25 -8.75
N ILE A 2 21.24 -20.23 -9.15
CA ILE A 2 21.59 -18.82 -9.01
C ILE A 2 20.68 -18.15 -7.98
N TYR A 3 21.26 -17.38 -7.06
CA TYR A 3 20.53 -16.72 -5.99
C TYR A 3 20.69 -15.21 -6.05
N THR A 4 19.56 -14.51 -6.00
CA THR A 4 19.58 -13.06 -5.84
C THR A 4 19.25 -12.72 -4.38
N VAL A 5 19.91 -11.73 -3.82
CA VAL A 5 19.62 -11.32 -2.45
C VAL A 5 19.14 -9.86 -2.48
N THR A 6 17.94 -9.62 -1.96
CA THR A 6 17.36 -8.30 -1.81
C THR A 6 17.02 -8.15 -0.32
N PHE A 7 17.78 -7.31 0.39
CA PHE A 7 17.56 -7.04 1.81
C PHE A 7 16.25 -6.32 2.12
N ASN A 8 15.88 -5.39 1.24
CA ASN A 8 14.74 -4.53 1.46
C ASN A 8 13.81 -4.47 0.22
N PRO A 9 13.27 -5.63 -0.20
CA PRO A 9 12.40 -5.63 -1.38
C PRO A 9 11.17 -4.74 -1.22
N SER A 10 10.51 -4.45 -2.33
CA SER A 10 9.42 -3.49 -2.27
C SER A 10 8.24 -3.87 -3.11
N ILE A 11 7.07 -3.42 -2.69
CA ILE A 11 6.00 -3.20 -3.63
C ILE A 11 6.24 -1.81 -4.19
N ASP A 12 6.32 -1.74 -5.51
CA ASP A 12 6.39 -0.47 -6.18
C ASP A 12 4.96 -0.08 -6.56
N TYR A 13 4.34 0.75 -5.73
CA TYR A 13 3.00 1.23 -5.95
C TYR A 13 3.02 2.41 -6.93
N VAL A 14 2.73 2.11 -8.20
CA VAL A 14 2.76 3.11 -9.25
C VAL A 14 1.40 3.79 -9.38
N ILE A 15 1.40 5.11 -9.28
CA ILE A 15 0.17 5.89 -9.28
C ILE A 15 0.20 6.93 -10.39
N PHE A 16 -0.75 6.82 -11.31
CA PHE A 16 -0.90 7.80 -12.35
C PHE A 16 -1.92 8.81 -11.88
N THR A 17 -1.53 10.08 -11.95
CA THR A 17 -2.39 11.20 -11.56
C THR A 17 -1.92 12.47 -12.22
N ASN A 18 -2.86 13.25 -12.73
CA ASN A 18 -2.59 14.50 -13.46
C ASN A 18 -2.56 15.73 -12.56
N ASP A 19 -1.72 16.71 -12.91
CA ASP A 19 -1.58 17.98 -12.18
C ASP A 19 -1.41 17.72 -10.66
N PHE A 20 -0.35 16.99 -10.28
CA PHE A 20 -0.12 16.67 -8.87
C PHE A 20 -0.18 17.89 -7.95
N LYS A 21 -1.18 17.90 -7.08
CA LYS A 21 -1.45 19.06 -6.22
C LYS A 21 -1.12 18.82 -4.75
N ILE A 22 -0.01 19.40 -4.31
CA ILE A 22 0.43 19.40 -2.91
C ILE A 22 -0.56 20.16 -2.02
N ASP A 23 -0.82 19.63 -0.83
CA ASP A 23 -1.80 20.19 0.12
C ASP A 23 -3.21 20.00 -0.39
N GLY A 24 -3.38 19.05 -1.31
CA GLY A 24 -4.64 18.88 -1.99
C GLY A 24 -5.09 17.45 -2.10
N LEU A 25 -6.39 17.30 -2.34
CA LEU A 25 -6.98 16.01 -2.65
C LEU A 25 -6.75 15.70 -4.13
N ASN A 26 -5.85 14.76 -4.42
CA ASN A 26 -5.66 14.25 -5.77
C ASN A 26 -6.42 12.95 -5.92
N ARG A 27 -6.87 12.66 -7.15
CA ARG A 27 -7.50 11.39 -7.45
C ARG A 27 -6.73 10.71 -8.57
N ALA A 28 -6.20 9.52 -8.26
CA ALA A 28 -5.39 8.77 -9.21
C ALA A 28 -6.28 8.30 -10.32
N THR A 29 -5.89 8.58 -11.57
CA THR A 29 -6.61 8.10 -12.76
C THR A 29 -6.37 6.60 -12.96
N ALA A 30 -5.27 6.07 -12.39
CA ALA A 30 -4.97 4.63 -12.38
C ALA A 30 -3.77 4.29 -11.52
N THR A 31 -3.74 3.06 -11.03
CA THR A 31 -2.59 2.58 -10.28
C THR A 31 -2.22 1.16 -10.69
N TYR A 32 -0.98 0.77 -10.41
CA TYR A 32 -0.63 -0.63 -10.50
C TYR A 32 0.53 -0.90 -9.58
N LYS A 33 0.86 -2.17 -9.43
CA LYS A 33 1.81 -2.61 -8.43
C LYS A 33 2.71 -3.66 -9.03
N PHE A 34 3.99 -3.62 -8.65
CA PHE A 34 4.87 -4.75 -8.92
C PHE A 34 5.90 -5.03 -7.82
N ALA A 35 6.53 -6.19 -7.89
CA ALA A 35 7.61 -6.52 -6.97
C ALA A 35 8.87 -5.79 -7.41
N GLY A 36 9.34 -4.86 -6.59
CA GLY A 36 10.59 -4.16 -6.85
C GLY A 36 11.72 -4.51 -5.89
N GLY A 37 12.90 -4.00 -6.19
CA GLY A 37 14.11 -4.31 -5.46
C GLY A 37 15.14 -4.78 -6.46
N LYS A 38 16.41 -4.51 -6.18
CA LYS A 38 17.47 -4.77 -7.15
C LYS A 38 17.61 -6.25 -7.49
N GLY A 39 17.83 -7.09 -6.47
CA GLY A 39 17.92 -8.54 -6.66
C GLY A 39 16.69 -9.13 -7.31
N ILE A 40 15.52 -8.61 -6.95
CA ILE A 40 14.26 -9.05 -7.58
C ILE A 40 14.26 -8.73 -9.08
N ASN A 41 14.70 -7.52 -9.43
CA ASN A 41 14.79 -7.11 -10.82
C ASN A 41 15.78 -8.00 -11.59
N VAL A 42 16.91 -8.32 -10.96
CA VAL A 42 17.87 -9.24 -11.57
C VAL A 42 17.17 -10.58 -11.86
N SER A 43 16.44 -11.12 -10.88
CA SER A 43 15.70 -12.36 -11.10
C SER A 43 14.69 -12.22 -12.26
N ARG A 44 14.08 -11.04 -12.35
CA ARG A 44 13.10 -10.75 -13.40
C ARG A 44 13.74 -10.78 -14.79
N VAL A 45 14.91 -10.16 -14.90
CA VAL A 45 15.63 -10.15 -16.19
C VAL A 45 16.23 -11.52 -16.50
N LEU A 46 16.80 -12.18 -15.49
CA LEU A 46 17.31 -13.54 -15.71
C LEU A 46 16.18 -14.39 -16.27
N LYS A 47 14.98 -14.23 -15.69
CA LYS A 47 13.79 -14.98 -16.14
C LYS A 47 13.41 -14.72 -17.60
N THR A 48 13.34 -13.44 -17.97
CA THR A 48 13.17 -12.99 -19.36
C THR A 48 14.20 -13.66 -20.30
N LEU A 49 15.36 -14.00 -19.76
CA LEU A 49 16.44 -14.61 -20.53
C LEU A 49 16.44 -16.12 -20.43
N ASP A 50 15.43 -16.67 -19.75
CA ASP A 50 15.26 -18.12 -19.60
C ASP A 50 16.27 -18.73 -18.62
N VAL A 51 16.57 -18.00 -17.56
CA VAL A 51 17.55 -18.47 -16.59
C VAL A 51 16.95 -18.44 -15.21
N GLU A 52 16.96 -19.61 -14.56
CA GLU A 52 16.42 -19.77 -13.22
C GLU A 52 17.24 -19.04 -12.17
N SER A 53 16.56 -18.69 -11.10
CA SER A 53 17.18 -18.07 -9.95
C SER A 53 16.14 -18.14 -8.86
N THR A 54 16.61 -18.07 -7.63
CA THR A 54 15.75 -18.09 -6.47
C THR A 54 16.00 -16.81 -5.70
N ALA A 55 14.94 -16.06 -5.46
CA ALA A 55 15.04 -14.82 -4.71
C ALA A 55 15.18 -15.09 -3.21
N LEU A 56 16.27 -14.57 -2.65
CA LEU A 56 16.51 -14.60 -1.21
C LEU A 56 16.39 -13.18 -0.69
N GLY A 57 16.37 -13.03 0.63
CA GLY A 57 16.21 -11.73 1.26
C GLY A 57 15.08 -11.73 2.27
N PHE A 58 14.51 -10.56 2.55
CA PHE A 58 13.53 -10.46 3.65
C PHE A 58 12.12 -10.10 3.22
N ALA A 59 11.15 -10.90 3.64
CA ALA A 59 9.74 -10.55 3.43
C ALA A 59 8.89 -10.74 4.69
N GLY A 60 7.87 -9.90 4.82
CA GLY A 60 7.00 -9.93 5.99
C GLY A 60 5.64 -9.33 5.70
N GLY A 61 4.67 -9.78 6.49
CA GLY A 61 3.30 -9.34 6.37
C GLY A 61 2.68 -9.72 5.04
N PHE A 62 1.62 -9.01 4.69
CA PHE A 62 0.94 -9.26 3.44
C PHE A 62 1.62 -8.59 2.24
N PRO A 63 2.25 -7.42 2.45
CA PRO A 63 3.18 -6.95 1.45
C PRO A 63 4.23 -8.01 1.09
N GLY A 64 4.59 -8.85 2.06
CA GLY A 64 5.57 -9.93 1.84
C GLY A 64 5.01 -11.00 0.93
N LYS A 65 3.81 -11.48 1.26
CA LYS A 65 3.08 -12.45 0.48
C LYS A 65 2.90 -12.00 -0.97
N PHE A 66 2.54 -10.73 -1.16
CA PHE A 66 2.36 -10.18 -2.51
C PHE A 66 3.59 -10.41 -3.39
N ILE A 67 4.76 -10.15 -2.83
CA ILE A 67 6.02 -10.35 -3.54
C ILE A 67 6.26 -11.83 -3.89
N ILE A 68 5.95 -12.72 -2.94
CA ILE A 68 6.08 -14.14 -3.21
C ILE A 68 5.10 -14.60 -4.30
N ASP A 69 3.83 -14.20 -4.19
CA ASP A 69 2.83 -14.57 -5.19
C ASP A 69 3.13 -13.98 -6.57
N THR A 70 3.59 -12.73 -6.59
CA THR A 70 4.00 -12.05 -7.82
C THR A 70 5.14 -12.79 -8.50
N LEU A 71 6.17 -13.13 -7.72
CA LEU A 71 7.28 -13.93 -8.24
C LEU A 71 6.80 -15.31 -8.72
N ASN A 72 5.98 -15.97 -7.91
CA ASN A 72 5.44 -17.28 -8.27
C ASN A 72 4.66 -17.27 -9.58
N ASN A 73 3.81 -16.26 -9.76
CA ASN A 73 3.05 -16.11 -10.99
C ASN A 73 3.96 -15.93 -12.19
N SER A 74 5.15 -15.39 -11.94
CA SER A 74 6.16 -15.17 -12.97
C SER A 74 7.07 -16.40 -13.17
N ALA A 75 6.81 -17.47 -12.40
CA ALA A 75 7.64 -18.69 -12.41
C ALA A 75 9.06 -18.43 -11.90
N ILE A 76 9.17 -17.52 -10.94
CA ILE A 76 10.45 -17.31 -10.25
C ILE A 76 10.32 -17.81 -8.80
N GLN A 77 11.27 -18.65 -8.40
CA GLN A 77 11.28 -19.21 -7.05
C GLN A 77 11.80 -18.17 -6.06
N SER A 78 11.41 -18.33 -4.80
CA SER A 78 11.87 -17.47 -3.73
C SER A 78 11.95 -18.25 -2.41
N ASN A 79 12.84 -17.81 -1.54
CA ASN A 79 13.01 -18.45 -0.26
C ASN A 79 13.37 -17.37 0.73
N PHE A 80 12.47 -16.39 0.81
CA PHE A 80 12.59 -15.22 1.68
C PHE A 80 12.52 -15.58 3.16
N ILE A 81 13.27 -14.85 3.97
CA ILE A 81 13.25 -14.98 5.41
C ILE A 81 12.09 -14.14 5.93
N GLU A 82 11.15 -14.81 6.60
CA GLU A 82 9.98 -14.12 7.16
C GLU A 82 10.42 -13.19 8.28
N VAL A 83 10.15 -11.91 8.09
CA VAL A 83 10.37 -10.93 9.15
C VAL A 83 9.03 -10.49 9.76
N ASP A 84 9.07 -9.87 10.93
CA ASP A 84 7.90 -9.60 11.76
C ASP A 84 7.16 -8.29 11.38
N GLU A 85 7.75 -7.51 10.49
CA GLU A 85 7.09 -6.29 9.99
C GLU A 85 6.89 -6.33 8.47
N ASP A 86 6.03 -5.44 7.99
CA ASP A 86 5.64 -5.41 6.58
C ASP A 86 6.76 -5.04 5.62
N THR A 87 6.88 -5.81 4.55
CA THR A 87 7.70 -5.46 3.40
C THR A 87 7.27 -4.07 2.97
N ARG A 88 8.22 -3.22 2.58
CA ARG A 88 7.88 -1.82 2.30
C ARG A 88 7.06 -1.63 1.03
N ILE A 89 6.33 -0.52 1.03
CA ILE A 89 5.62 -0.03 -0.15
C ILE A 89 6.21 1.31 -0.57
N ASN A 90 6.88 1.29 -1.71
CA ASN A 90 7.46 2.48 -2.29
C ASN A 90 6.46 3.09 -3.25
N VAL A 91 6.38 4.42 -3.27
CA VAL A 91 5.40 5.10 -4.13
C VAL A 91 6.07 5.80 -5.31
N LYS A 92 5.55 5.58 -6.51
CA LYS A 92 6.03 6.24 -7.72
C LYS A 92 4.89 7.06 -8.31
N LEU A 93 5.01 8.38 -8.26
CA LEU A 93 3.97 9.27 -8.78
C LEU A 93 4.24 9.70 -10.21
N LYS A 94 3.44 9.20 -11.12
CA LYS A 94 3.61 9.51 -12.52
C LYS A 94 2.59 10.56 -12.99
N THR A 95 3.03 11.81 -12.99
CA THR A 95 2.30 12.92 -13.61
C THR A 95 3.01 13.24 -14.92
N GLY A 96 3.32 14.52 -15.13
CA GLY A 96 4.29 14.92 -16.15
C GLY A 96 5.67 14.71 -15.56
N GLN A 97 5.78 14.84 -14.24
CA GLN A 97 7.02 14.58 -13.53
C GLN A 97 7.00 13.17 -12.92
N GLU A 98 8.19 12.63 -12.64
CA GLU A 98 8.32 11.32 -12.01
C GLU A 98 8.89 11.47 -10.60
N THR A 99 8.07 11.14 -9.61
CA THR A 99 8.38 11.41 -8.22
C THR A 99 8.35 10.12 -7.42
N GLU A 100 9.51 9.68 -6.94
CA GLU A 100 9.59 8.49 -6.11
C GLU A 100 9.53 8.83 -4.62
N ILE A 101 8.81 8.02 -3.88
CA ILE A 101 8.78 8.09 -2.41
C ILE A 101 9.14 6.70 -1.87
N ASN A 102 10.38 6.57 -1.42
CA ASN A 102 10.90 5.31 -0.92
C ASN A 102 10.77 5.22 0.59
N ALA A 103 10.24 4.10 1.06
CA ALA A 103 9.95 3.84 2.47
C ALA A 103 11.09 3.12 3.19
N PRO A 104 11.11 3.17 4.54
CA PRO A 104 12.09 2.36 5.26
C PRO A 104 11.72 0.87 5.14
N GLY A 105 12.67 -0.02 5.35
CA GLY A 105 12.30 -1.43 5.40
C GLY A 105 11.52 -1.78 6.66
N PRO A 106 11.07 -3.04 6.75
CA PRO A 106 10.68 -3.57 8.05
C PRO A 106 11.89 -3.62 9.00
N HIS A 107 11.64 -3.68 10.31
CA HIS A 107 12.70 -4.02 11.24
C HIS A 107 13.05 -5.48 11.07
N ILE A 108 14.34 -5.72 10.88
CA ILE A 108 14.87 -7.05 10.71
C ILE A 108 15.80 -7.36 11.88
N THR A 109 15.45 -8.42 12.62
CA THR A 109 16.22 -8.86 13.80
C THR A 109 17.54 -9.50 13.37
N SER A 110 18.44 -9.72 14.33
CA SER A 110 19.74 -10.33 14.05
C SER A 110 19.59 -11.80 13.72
N THR A 111 18.64 -12.43 14.42
CA THR A 111 18.25 -13.82 14.23
C THR A 111 17.78 -14.10 12.79
N GLN A 112 16.97 -13.17 12.27
CA GLN A 112 16.48 -13.26 10.89
C GLN A 112 17.60 -13.08 9.88
N PHE A 113 18.48 -12.11 10.09
CA PHE A 113 19.65 -11.96 9.25
C PHE A 113 20.53 -13.22 9.29
N GLU A 114 20.67 -13.80 10.48
CA GLU A 114 21.38 -15.08 10.68
C GLU A 114 20.78 -16.21 9.83
N GLN A 115 19.46 -16.27 9.78
CA GLN A 115 18.74 -17.20 8.88
C GLN A 115 19.15 -17.04 7.41
N LEU A 116 19.33 -15.80 6.96
CA LEU A 116 19.76 -15.52 5.59
C LEU A 116 21.16 -16.06 5.33
N LEU A 117 22.09 -15.77 6.25
CA LEU A 117 23.44 -16.31 6.20
C LEU A 117 23.48 -17.84 6.19
N GLN A 118 22.55 -18.46 6.91
CA GLN A 118 22.47 -19.92 6.95
C GLN A 118 22.15 -20.48 5.57
N GLN A 119 21.38 -19.72 4.79
CA GLN A 119 21.06 -20.10 3.41
C GLN A 119 22.28 -19.98 2.52
N ILE A 120 23.08 -18.94 2.73
CA ILE A 120 24.30 -18.74 1.95
C ILE A 120 25.32 -19.82 2.29
N LYS A 121 25.29 -20.27 3.55
CA LYS A 121 26.12 -21.39 3.99
C LYS A 121 25.85 -22.70 3.25
N ASN A 122 24.67 -22.83 2.65
CA ASN A 122 24.29 -24.07 1.98
C ASN A 122 24.56 -24.08 0.49
N THR A 123 25.24 -23.03 0.01
CA THR A 123 25.66 -22.94 -1.39
C THR A 123 26.87 -23.82 -1.71
N THR A 124 27.07 -24.05 -3.01
CA THR A 124 28.16 -24.90 -3.50
C THR A 124 28.96 -24.12 -4.54
N SER A 125 30.09 -24.69 -4.97
CA SER A 125 30.98 -24.02 -5.91
C SER A 125 30.32 -23.67 -7.24
N GLU A 126 29.26 -24.39 -7.57
CA GLU A 126 28.54 -24.23 -8.84
C GLU A 126 27.52 -23.10 -8.83
N ASP A 127 27.26 -22.55 -7.65
CA ASP A 127 26.24 -21.52 -7.46
C ASP A 127 26.77 -20.11 -7.69
N ILE A 128 25.85 -19.22 -8.04
CA ILE A 128 26.13 -17.80 -8.14
C ILE A 128 25.23 -17.11 -7.13
N VAL A 129 25.84 -16.25 -6.31
CA VAL A 129 25.11 -15.43 -5.38
C VAL A 129 25.29 -13.97 -5.80
N ILE A 130 24.16 -13.33 -6.11
CA ILE A 130 24.10 -11.92 -6.49
C ILE A 130 23.49 -11.13 -5.33
N VAL A 131 24.26 -10.19 -4.80
CA VAL A 131 23.78 -9.36 -3.71
C VAL A 131 23.72 -7.94 -4.22
N ALA A 132 22.52 -7.38 -4.20
CA ALA A 132 22.30 -6.08 -4.78
C ALA A 132 21.35 -5.28 -3.92
N GLY A 133 21.75 -4.04 -3.64
CA GLY A 133 20.88 -3.12 -2.94
C GLY A 133 21.49 -2.35 -1.78
N SER A 134 20.75 -1.37 -1.31
CA SER A 134 21.12 -0.63 -0.12
C SER A 134 20.86 -1.51 1.10
N VAL A 135 21.69 -1.34 2.12
CA VAL A 135 21.55 -2.11 3.34
C VAL A 135 20.61 -1.38 4.31
N PRO A 136 19.48 -2.03 4.68
CA PRO A 136 18.57 -1.50 5.70
C PRO A 136 19.25 -1.32 7.05
N SER A 137 18.82 -0.29 7.78
CA SER A 137 19.47 0.13 9.02
C SER A 137 19.48 -0.95 10.10
N SER A 138 18.49 -1.84 10.06
CA SER A 138 18.32 -2.87 11.09
C SER A 138 19.21 -4.12 10.89
N ILE A 139 19.84 -4.25 9.73
CA ILE A 139 20.80 -5.34 9.53
C ILE A 139 22.26 -4.85 9.62
N PRO A 140 23.23 -5.79 9.77
CA PRO A 140 24.62 -5.39 9.98
C PRO A 140 25.11 -4.52 8.84
N SER A 141 25.73 -3.38 9.15
CA SER A 141 26.14 -2.50 8.06
C SER A 141 27.22 -3.16 7.20
N ASP A 142 27.88 -4.18 7.74
CA ASP A 142 28.84 -4.99 6.99
C ASP A 142 28.20 -6.26 6.42
N ALA A 143 26.89 -6.21 6.17
CA ALA A 143 26.11 -7.35 5.66
C ALA A 143 26.65 -7.93 4.36
N TYR A 144 27.15 -7.08 3.47
CA TYR A 144 27.76 -7.54 2.21
C TYR A 144 28.95 -8.44 2.49
N ALA A 145 29.81 -8.00 3.40
CA ALA A 145 31.01 -8.73 3.76
C ALA A 145 30.71 -10.05 4.45
N GLN A 146 29.66 -10.06 5.27
CA GLN A 146 29.24 -11.25 6.02
C GLN A 146 28.74 -12.33 5.07
N ILE A 147 28.12 -11.90 3.97
CA ILE A 147 27.71 -12.81 2.92
C ILE A 147 28.96 -13.24 2.14
N ALA A 148 29.74 -12.25 1.70
CA ALA A 148 30.93 -12.49 0.87
C ALA A 148 31.90 -13.50 1.48
N GLN A 149 31.97 -13.48 2.79
CA GLN A 149 32.86 -14.34 3.54
C GLN A 149 32.45 -15.80 3.56
N ILE A 150 31.15 -16.04 3.51
CA ILE A 150 30.59 -17.37 3.45
C ILE A 150 30.79 -17.99 2.06
N THR A 151 30.58 -17.17 1.02
CA THR A 151 30.72 -17.63 -0.36
C THR A 151 32.15 -17.97 -0.66
N ALA A 152 33.07 -17.23 -0.03
CA ALA A 152 34.49 -17.53 -0.11
C ALA A 152 34.81 -18.91 0.43
N GLN A 153 34.06 -19.36 1.42
CA GLN A 153 34.20 -20.69 2.00
C GLN A 153 33.43 -21.75 1.22
N THR A 154 32.23 -21.41 0.74
CA THR A 154 31.42 -22.39 0.01
C THR A 154 31.95 -22.59 -1.40
N GLY A 155 32.54 -21.55 -1.97
CA GLY A 155 33.08 -21.61 -3.33
C GLY A 155 32.17 -20.95 -4.37
N ALA A 156 30.97 -20.54 -3.95
CA ALA A 156 30.00 -19.90 -4.88
C ALA A 156 30.50 -18.55 -5.39
N LYS A 157 30.26 -18.30 -6.67
CA LYS A 157 30.57 -17.02 -7.30
C LYS A 157 29.75 -15.92 -6.68
N LEU A 158 30.43 -14.92 -6.12
CA LEU A 158 29.74 -13.77 -5.56
C LEU A 158 29.72 -12.58 -6.52
N VAL A 159 28.51 -12.08 -6.80
CA VAL A 159 28.30 -10.92 -7.64
C VAL A 159 27.69 -9.78 -6.82
N VAL A 160 28.31 -8.61 -6.89
CA VAL A 160 27.85 -7.48 -6.11
C VAL A 160 27.54 -6.26 -6.96
N ASP A 161 26.36 -5.69 -6.72
CA ASP A 161 25.97 -4.40 -7.27
C ASP A 161 25.49 -3.52 -6.11
N ALA A 162 26.39 -2.68 -5.60
CA ALA A 162 26.12 -1.89 -4.40
C ALA A 162 26.81 -0.52 -4.45
N GLU A 163 26.57 0.31 -3.43
CA GLU A 163 27.27 1.59 -3.28
C GLU A 163 28.76 1.32 -3.13
N LYS A 164 29.57 2.33 -3.45
CA LYS A 164 31.04 2.17 -3.54
C LYS A 164 31.69 1.45 -2.35
N GLU A 165 31.41 1.90 -1.13
CA GLU A 165 32.09 1.33 0.05
C GLU A 165 31.74 -0.16 0.26
N LEU A 166 30.50 -0.51 -0.04
CA LEU A 166 30.02 -1.89 0.12
C LEU A 166 30.60 -2.81 -0.94
N ALA A 167 30.72 -2.29 -2.16
CA ALA A 167 31.42 -2.98 -3.25
C ALA A 167 32.89 -3.15 -2.86
N GLU A 168 33.48 -2.09 -2.33
CA GLU A 168 34.87 -2.12 -1.87
C GLU A 168 35.12 -3.17 -0.80
N SER A 169 34.13 -3.41 0.07
CA SER A 169 34.29 -4.32 1.21
C SER A 169 34.26 -5.80 0.87
N VAL A 170 33.75 -6.15 -0.31
CA VAL A 170 33.67 -7.56 -0.70
C VAL A 170 34.90 -7.98 -1.50
N LEU A 171 35.70 -6.99 -1.93
CA LEU A 171 36.87 -7.23 -2.77
C LEU A 171 37.84 -8.29 -2.23
N PRO A 172 38.19 -8.24 -0.92
CA PRO A 172 39.07 -9.28 -0.37
C PRO A 172 38.48 -10.69 -0.50
N TYR A 173 37.21 -10.79 -0.89
CA TYR A 173 36.51 -12.08 -0.98
C TYR A 173 36.40 -12.58 -2.42
N HIS A 174 37.10 -11.88 -3.31
CA HIS A 174 37.20 -12.21 -4.73
C HIS A 174 35.85 -12.41 -5.39
N PRO A 175 35.00 -11.36 -5.41
CA PRO A 175 33.71 -11.52 -6.07
C PRO A 175 33.95 -11.76 -7.56
N LEU A 176 32.99 -12.40 -8.23
CA LEU A 176 33.13 -12.70 -9.65
C LEU A 176 33.21 -11.43 -10.48
N PHE A 177 32.30 -10.50 -10.21
CA PHE A 177 32.43 -9.11 -10.61
C PHE A 177 31.68 -8.18 -9.66
N ILE A 178 32.15 -6.93 -9.63
CA ILE A 178 31.41 -5.80 -9.08
C ILE A 178 31.04 -4.82 -10.21
N LYS A 179 30.13 -3.88 -9.95
CA LYS A 179 29.65 -2.99 -11.01
C LYS A 179 29.58 -1.50 -10.65
N PRO A 180 30.72 -0.85 -10.40
CA PRO A 180 30.64 0.56 -10.07
C PRO A 180 30.38 1.43 -11.31
N ASN A 181 30.00 2.68 -11.10
CA ASN A 181 29.98 3.61 -12.23
C ASN A 181 31.28 4.41 -12.29
N LYS A 182 31.50 5.03 -13.45
CA LYS A 182 32.63 5.92 -13.66
C LYS A 182 32.78 6.94 -12.50
N ASP A 183 31.66 7.41 -11.96
CA ASP A 183 31.69 8.43 -10.91
C ASP A 183 32.17 7.86 -9.57
N GLU A 184 31.78 6.62 -9.27
CA GLU A 184 32.29 5.94 -8.08
C GLU A 184 33.80 5.65 -8.14
N LEU A 185 34.30 5.31 -9.34
CA LEU A 185 35.73 5.17 -9.60
C LEU A 185 36.46 6.45 -9.25
N GLU A 186 35.91 7.58 -9.70
CA GLU A 186 36.47 8.91 -9.43
C GLU A 186 36.54 9.22 -7.93
N VAL A 187 35.52 8.79 -7.17
CA VAL A 187 35.54 8.97 -5.72
C VAL A 187 36.53 8.00 -5.07
N MET A 188 36.41 6.72 -5.40
CA MET A 188 37.30 5.68 -4.88
C MET A 188 38.76 6.10 -4.94
N PHE A 189 39.27 6.28 -6.15
CA PHE A 189 40.69 6.54 -6.37
C PHE A 189 41.03 8.03 -6.37
N ASN A 190 40.09 8.85 -5.88
CA ASN A 190 40.17 10.31 -5.87
C ASN A 190 40.92 10.95 -7.04
N THR A 191 40.35 10.75 -8.23
CA THR A 191 40.94 11.18 -9.48
C THR A 191 39.85 11.41 -10.51
N THR A 192 40.19 12.07 -11.61
CA THR A 192 39.25 12.30 -12.70
C THR A 192 39.42 11.23 -13.78
N VAL A 193 38.35 10.50 -14.07
CA VAL A 193 38.35 9.47 -15.12
C VAL A 193 37.69 9.98 -16.39
N ASN A 194 38.49 10.24 -17.43
CA ASN A 194 38.00 10.92 -18.64
C ASN A 194 38.18 10.14 -19.95
N SER A 195 38.64 8.90 -19.86
CA SER A 195 38.86 8.11 -21.07
C SER A 195 38.70 6.61 -20.84
N ASP A 196 38.66 5.85 -21.92
CA ASP A 196 38.55 4.41 -21.82
C ASP A 196 39.79 3.81 -21.16
N ALA A 197 40.97 4.34 -21.51
CA ALA A 197 42.24 3.98 -20.86
C ALA A 197 42.24 4.24 -19.34
N ASP A 198 41.64 5.35 -18.91
CA ASP A 198 41.52 5.67 -17.49
C ASP A 198 40.62 4.67 -16.79
N VAL A 199 39.55 4.26 -17.46
CA VAL A 199 38.63 3.26 -16.90
C VAL A 199 39.31 1.90 -16.74
N ILE A 200 40.07 1.46 -17.76
CA ILE A 200 40.83 0.21 -17.68
C ILE A 200 41.80 0.25 -16.50
N LYS A 201 42.51 1.37 -16.34
CA LYS A 201 43.54 1.49 -15.31
C LYS A 201 42.95 1.25 -13.90
N TYR A 202 42.05 2.14 -13.48
CA TYR A 202 41.48 2.11 -12.13
C TYR A 202 40.57 0.90 -11.88
N GLY A 203 40.01 0.36 -12.96
CA GLY A 203 39.22 -0.86 -12.89
C GLY A 203 40.07 -2.09 -12.62
N ARG A 204 41.25 -2.15 -13.24
CA ARG A 204 42.18 -3.26 -13.02
C ARG A 204 42.87 -3.16 -11.66
N LEU A 205 42.95 -1.96 -11.10
CA LEU A 205 43.46 -1.79 -9.74
C LEU A 205 42.47 -2.42 -8.75
N LEU A 206 41.19 -2.37 -9.08
CA LEU A 206 40.15 -3.05 -8.32
C LEU A 206 40.26 -4.57 -8.41
N VAL A 207 40.60 -5.06 -9.60
CA VAL A 207 40.93 -6.46 -9.83
C VAL A 207 42.17 -6.90 -9.03
N ASP A 208 43.12 -5.98 -8.82
CA ASP A 208 44.28 -6.26 -7.98
C ASP A 208 43.90 -6.39 -6.50
N LYS A 209 42.94 -5.59 -6.07
CA LYS A 209 42.46 -5.61 -4.68
C LYS A 209 41.59 -6.84 -4.37
N GLY A 210 41.20 -7.59 -5.40
CA GLY A 210 40.45 -8.82 -5.20
C GLY A 210 39.35 -9.18 -6.19
N ALA A 211 38.75 -8.20 -6.86
CA ALA A 211 37.69 -8.46 -7.85
C ALA A 211 38.20 -9.38 -8.96
N GLN A 212 37.45 -10.44 -9.25
CA GLN A 212 37.79 -11.34 -10.36
C GLN A 212 37.65 -10.61 -11.70
N SER A 213 36.69 -9.71 -11.75
CA SER A 213 36.49 -8.82 -12.89
C SER A 213 35.63 -7.64 -12.46
N VAL A 214 35.50 -6.63 -13.32
CA VAL A 214 34.78 -5.41 -12.99
C VAL A 214 34.08 -4.91 -14.23
N ILE A 215 32.79 -4.62 -14.11
CA ILE A 215 32.05 -3.90 -15.15
C ILE A 215 31.87 -2.47 -14.69
N VAL A 216 32.29 -1.53 -15.53
CA VAL A 216 32.15 -0.11 -15.20
C VAL A 216 31.10 0.49 -16.12
N SER A 217 30.02 0.97 -15.53
CA SER A 217 28.92 1.54 -16.26
C SER A 217 29.25 2.96 -16.68
N LEU A 218 29.03 3.26 -17.95
CA LEU A 218 29.29 4.57 -18.51
C LEU A 218 27.99 5.24 -18.97
N GLY A 219 26.87 4.66 -18.54
CA GLY A 219 25.54 5.18 -18.88
C GLY A 219 25.26 4.98 -20.36
N GLY A 220 24.77 6.02 -21.01
CA GLY A 220 24.47 5.97 -22.44
C GLY A 220 25.70 5.90 -23.33
N ASP A 221 26.89 5.79 -22.71
CA ASP A 221 28.15 5.69 -23.45
C ASP A 221 28.67 4.27 -23.42
N GLY A 222 27.82 3.35 -22.96
CA GLY A 222 28.17 1.95 -22.89
C GLY A 222 28.76 1.51 -21.57
N ALA A 223 29.72 0.61 -21.63
CA ALA A 223 30.34 0.05 -20.43
C ALA A 223 31.70 -0.55 -20.75
N ILE A 224 32.50 -0.74 -19.72
CA ILE A 224 33.79 -1.41 -19.88
C ILE A 224 33.90 -2.57 -18.91
N TYR A 225 34.24 -3.73 -19.47
CA TYR A 225 34.55 -4.90 -18.67
C TYR A 225 36.06 -4.94 -18.47
N ILE A 226 36.50 -5.16 -17.24
CA ILE A 226 37.93 -5.29 -16.95
C ILE A 226 38.27 -6.60 -16.22
N ASP A 227 39.26 -7.31 -16.76
CA ASP A 227 39.77 -8.60 -16.29
C ASP A 227 41.22 -8.41 -15.88
N LYS A 228 41.84 -9.47 -15.35
CA LYS A 228 43.30 -9.49 -15.18
C LYS A 228 44.00 -9.61 -16.53
N GLU A 229 43.30 -10.24 -17.49
CA GLU A 229 43.90 -10.56 -18.78
C GLU A 229 43.37 -9.76 -19.98
N ILE A 230 42.23 -9.11 -19.83
CA ILE A 230 41.59 -8.36 -20.91
C ILE A 230 40.69 -7.20 -20.41
N SER A 231 40.51 -6.18 -21.24
CA SER A 231 39.42 -5.22 -21.03
C SER A 231 38.59 -5.07 -22.30
N ILE A 232 37.28 -4.92 -22.15
CA ILE A 232 36.39 -4.89 -23.29
C ILE A 232 35.53 -3.63 -23.29
N LYS A 233 35.33 -3.07 -24.48
CA LYS A 233 34.46 -1.90 -24.63
C LYS A 233 33.16 -2.28 -25.30
N ALA A 234 32.06 -2.02 -24.61
CA ALA A 234 30.74 -2.15 -25.20
C ALA A 234 30.19 -0.77 -25.52
N VAL A 235 29.57 -0.65 -26.69
CA VAL A 235 28.94 0.59 -27.10
C VAL A 235 27.50 0.28 -27.52
N ASN A 236 26.54 0.85 -26.82
CA ASN A 236 25.13 0.60 -27.12
C ASN A 236 24.55 1.60 -28.13
N PRO A 237 23.49 1.19 -28.86
CA PRO A 237 22.84 2.12 -29.78
C PRO A 237 22.27 3.33 -29.05
N GLN A 238 22.31 4.49 -29.70
CA GLN A 238 21.67 5.66 -29.13
C GLN A 238 20.15 5.55 -29.28
N GLY A 239 19.42 6.31 -28.48
CA GLY A 239 17.97 6.32 -28.55
C GLY A 239 17.39 7.11 -27.40
N LYS A 240 16.09 7.38 -27.46
CA LYS A 240 15.39 8.04 -26.37
C LYS A 240 15.37 7.16 -25.13
N VAL A 241 16.11 7.60 -24.13
CA VAL A 241 16.03 7.04 -22.78
C VAL A 241 14.60 7.25 -22.28
N VAL A 242 13.90 6.15 -22.01
CA VAL A 242 12.53 6.24 -21.49
C VAL A 242 12.57 6.20 -19.97
N ASN A 243 13.14 5.12 -19.42
CA ASN A 243 13.20 4.90 -17.98
C ASN A 243 14.36 3.98 -17.63
N THR A 244 15.38 4.55 -16.97
CA THR A 244 16.59 3.80 -16.63
C THR A 244 16.48 3.04 -15.34
N VAL A 245 15.37 3.20 -14.63
CA VAL A 245 15.14 2.40 -13.42
C VAL A 245 15.20 0.92 -13.81
N GLY A 246 16.08 0.18 -13.14
CA GLY A 246 16.26 -1.24 -13.42
C GLY A 246 17.36 -1.62 -14.42
N SER A 247 17.92 -0.63 -15.11
CA SER A 247 18.91 -0.89 -16.18
C SER A 247 20.25 -1.42 -15.65
N GLY A 248 20.66 -0.92 -14.50
CA GLY A 248 21.84 -1.46 -13.83
C GLY A 248 21.63 -2.92 -13.43
N ASP A 249 20.44 -3.20 -12.92
CA ASP A 249 19.99 -4.55 -12.58
C ASP A 249 19.96 -5.47 -13.78
N SER A 250 19.46 -4.94 -14.90
CA SER A 250 19.34 -5.67 -16.14
C SER A 250 20.71 -6.00 -16.75
N THR A 251 21.64 -5.06 -16.62
CA THR A 251 23.04 -5.27 -17.00
C THR A 251 23.63 -6.43 -16.20
N VAL A 252 23.45 -6.39 -14.87
CA VAL A 252 23.95 -7.46 -14.02
C VAL A 252 23.33 -8.80 -14.42
N ALA A 253 22.00 -8.84 -14.60
CA ALA A 253 21.30 -10.06 -15.03
C ALA A 253 21.76 -10.58 -16.40
N GLY A 254 22.00 -9.68 -17.34
CA GLY A 254 22.52 -10.05 -18.65
C GLY A 254 23.86 -10.77 -18.57
N MET A 255 24.75 -10.24 -17.74
CA MET A 255 26.10 -10.77 -17.59
C MET A 255 26.08 -12.14 -16.92
N VAL A 256 25.32 -12.26 -15.83
CA VAL A 256 25.18 -13.53 -15.14
C VAL A 256 24.56 -14.59 -16.05
N ALA A 257 23.46 -14.24 -16.75
CA ALA A 257 22.79 -15.18 -17.65
C ALA A 257 23.73 -15.71 -18.73
N GLY A 258 24.54 -14.81 -19.29
CA GLY A 258 25.55 -15.15 -20.29
C GLY A 258 26.53 -16.20 -19.79
N ILE A 259 27.18 -15.92 -18.65
CA ILE A 259 28.13 -16.84 -18.02
C ILE A 259 27.45 -18.17 -17.68
N ALA A 260 26.28 -18.08 -17.04
CA ALA A 260 25.51 -19.23 -16.65
C ALA A 260 25.14 -20.11 -17.86
N SER A 261 24.84 -19.49 -19.00
CA SER A 261 24.38 -20.24 -20.16
C SER A 261 25.47 -20.51 -21.21
N GLY A 262 26.73 -20.42 -20.81
CA GLY A 262 27.85 -20.86 -21.63
C GLY A 262 28.44 -19.87 -22.62
N LEU A 263 28.03 -18.60 -22.56
CA LEU A 263 28.59 -17.58 -23.45
C LEU A 263 30.01 -17.19 -23.08
N SER A 264 30.73 -16.67 -24.05
CA SER A 264 32.06 -16.08 -23.82
C SER A 264 31.90 -14.85 -22.96
N ILE A 265 32.96 -14.49 -22.25
CA ILE A 265 32.98 -13.23 -21.50
C ILE A 265 32.46 -12.08 -22.39
N GLU A 266 32.99 -12.00 -23.61
CA GLU A 266 32.65 -10.94 -24.57
C GLU A 266 31.16 -10.90 -24.91
N LYS A 267 30.59 -12.05 -25.25
CA LYS A 267 29.19 -12.11 -25.64
C LYS A 267 28.27 -11.94 -24.44
N ALA A 268 28.69 -12.49 -23.30
CA ALA A 268 27.96 -12.31 -22.03
C ALA A 268 27.88 -10.83 -21.69
N PHE A 269 29.00 -10.13 -21.89
CA PHE A 269 29.11 -8.69 -21.65
C PHE A 269 28.21 -7.92 -22.62
N GLN A 270 28.30 -8.28 -23.91
CA GLN A 270 27.38 -7.76 -24.93
C GLN A 270 25.90 -7.93 -24.53
N GLN A 271 25.54 -9.12 -24.07
CA GLN A 271 24.20 -9.41 -23.55
C GLN A 271 23.87 -8.50 -22.37
N ALA A 272 24.85 -8.31 -21.49
CA ALA A 272 24.73 -7.45 -20.32
C ALA A 272 24.37 -6.01 -20.69
N VAL A 273 25.10 -5.43 -21.64
CA VAL A 273 24.87 -4.06 -22.11
C VAL A 273 23.55 -3.92 -22.88
N ALA A 274 23.22 -4.92 -23.70
CA ALA A 274 21.93 -4.96 -24.41
C ALA A 274 20.78 -4.91 -23.41
N CYS A 275 20.86 -5.70 -22.35
CA CYS A 275 19.84 -5.72 -21.31
C CYS A 275 19.59 -4.37 -20.64
N GLY A 276 20.68 -3.73 -20.20
CA GLY A 276 20.61 -2.43 -19.55
C GLY A 276 20.12 -1.34 -20.48
N THR A 277 20.48 -1.46 -21.76
CA THR A 277 20.02 -0.53 -22.77
C THR A 277 18.54 -0.72 -23.04
N ALA A 278 18.14 -1.96 -23.33
CA ALA A 278 16.76 -2.30 -23.63
C ALA A 278 15.77 -1.88 -22.53
N THR A 279 16.15 -2.08 -21.27
CA THR A 279 15.41 -1.59 -20.10
C THR A 279 15.27 -0.08 -20.13
N ALA A 280 16.41 0.61 -20.28
CA ALA A 280 16.44 2.07 -20.41
C ALA A 280 15.44 2.61 -21.45
N PHE A 281 15.27 1.86 -22.53
CA PHE A 281 14.37 2.23 -23.63
C PHE A 281 12.94 1.75 -23.42
N ASP A 282 12.55 1.49 -22.18
CA ASP A 282 11.29 0.80 -21.86
C ASP A 282 10.63 1.40 -20.62
N GLU A 283 9.31 1.18 -20.49
CA GLU A 283 8.56 1.59 -19.29
C GLU A 283 9.12 0.91 -18.06
N ASP A 284 9.24 -0.42 -18.16
CA ASP A 284 9.71 -1.23 -17.07
C ASP A 284 10.97 -1.96 -17.50
N LEU A 285 11.07 -3.23 -17.12
CA LEU A 285 12.18 -4.08 -17.51
C LEU A 285 11.98 -4.58 -18.93
N ALA A 286 13.09 -4.88 -19.60
CA ALA A 286 13.05 -5.17 -21.02
C ALA A 286 12.39 -6.50 -21.34
N THR A 287 11.76 -6.58 -22.50
CA THR A 287 11.28 -7.83 -23.03
C THR A 287 12.46 -8.57 -23.67
N ARG A 288 12.29 -9.87 -23.90
CA ARG A 288 13.29 -10.71 -24.54
C ARG A 288 13.65 -10.22 -25.94
N ASP A 289 12.63 -9.82 -26.70
CA ASP A 289 12.82 -9.36 -28.09
C ASP A 289 13.49 -8.01 -28.19
N ALA A 290 13.29 -7.15 -27.19
CA ALA A 290 14.01 -5.87 -27.12
C ALA A 290 15.49 -6.11 -26.87
N ILE A 291 15.78 -7.07 -25.99
CA ILE A 291 17.15 -7.43 -25.64
C ILE A 291 17.90 -7.98 -26.85
N GLU A 292 17.29 -8.94 -27.54
CA GLU A 292 17.90 -9.59 -28.70
C GLU A 292 18.11 -8.62 -29.85
N LYS A 293 17.10 -7.80 -30.10
CA LYS A 293 17.17 -6.74 -31.10
C LYS A 293 18.37 -5.86 -30.81
N ILE A 294 18.55 -5.50 -29.54
CA ILE A 294 19.57 -4.54 -29.13
C ILE A 294 21.00 -5.09 -29.15
N LYS A 295 21.20 -6.36 -28.79
CA LYS A 295 22.56 -6.91 -28.78
C LYS A 295 23.17 -7.14 -30.16
N SER A 296 22.33 -7.24 -31.19
CA SER A 296 22.80 -7.19 -32.57
C SER A 296 23.44 -5.83 -32.85
N GLN A 297 23.05 -4.84 -32.04
CA GLN A 297 23.43 -3.45 -32.26
C GLN A 297 24.57 -3.01 -31.36
N VAL A 298 24.84 -3.79 -30.31
CA VAL A 298 25.90 -3.47 -29.38
C VAL A 298 27.23 -3.90 -30.00
N THR A 299 28.16 -2.95 -30.06
CA THR A 299 29.50 -3.24 -30.55
C THR A 299 30.42 -3.66 -29.40
N ILE A 300 31.26 -4.67 -29.68
CA ILE A 300 32.22 -5.20 -28.73
C ILE A 300 33.63 -5.02 -29.27
N SER A 301 34.50 -4.45 -28.45
CA SER A 301 35.89 -4.25 -28.84
C SER A 301 36.81 -4.56 -27.69
N VAL A 302 37.94 -5.20 -27.99
CA VAL A 302 38.98 -5.39 -27.00
C VAL A 302 39.73 -4.07 -26.86
N LEU A 303 39.84 -3.60 -25.62
CA LEU A 303 40.59 -2.39 -25.31
C LEU A 303 42.06 -2.73 -25.13
N ASP A 304 42.34 -3.73 -24.28
CA ASP A 304 43.70 -4.21 -24.10
C ASP A 304 43.71 -5.70 -23.75
N GLY A 305 44.91 -6.27 -23.66
CA GLY A 305 45.05 -7.66 -23.26
C GLY A 305 44.61 -8.60 -24.35
N GLU A 306 44.49 -9.88 -24.00
CA GLU A 306 44.24 -10.91 -24.99
C GLU A 306 42.93 -11.61 -24.71
N MET B 1 -26.62 -10.58 15.97
CA MET B 1 -25.38 -9.98 15.39
C MET B 1 -25.60 -8.61 14.72
N ILE B 2 -24.59 -7.76 14.81
CA ILE B 2 -24.57 -6.47 14.13
C ILE B 2 -23.54 -6.52 13.01
N TYR B 3 -23.97 -6.12 11.81
CA TYR B 3 -23.10 -6.07 10.64
C TYR B 3 -22.89 -4.63 10.17
N THR B 4 -21.64 -4.28 9.83
CA THR B 4 -21.40 -3.06 9.07
C THR B 4 -21.08 -3.40 7.63
N VAL B 5 -21.39 -2.46 6.73
CA VAL B 5 -21.09 -2.64 5.31
C VAL B 5 -20.22 -1.48 4.81
N THR B 6 -19.05 -1.87 4.32
CA THR B 6 -18.06 -0.96 3.80
C THR B 6 -17.77 -1.42 2.37
N PHE B 7 -18.37 -0.72 1.41
CA PHE B 7 -18.29 -1.11 -0.01
C PHE B 7 -16.88 -0.91 -0.58
N ASN B 8 -16.17 0.09 -0.05
CA ASN B 8 -14.87 0.46 -0.60
C ASN B 8 -13.90 0.78 0.55
N PRO B 9 -13.52 -0.24 1.34
CA PRO B 9 -12.53 0.01 2.36
C PRO B 9 -11.20 0.36 1.71
N SER B 10 -10.34 1.06 2.44
CA SER B 10 -9.01 1.40 1.93
C SER B 10 -7.94 1.06 2.93
N ILE B 11 -6.70 1.05 2.45
CA ILE B 11 -5.55 1.33 3.30
C ILE B 11 -5.21 2.81 3.17
N ASP B 12 -5.38 3.54 4.26
CA ASP B 12 -4.83 4.90 4.38
C ASP B 12 -3.35 4.76 4.77
N TYR B 13 -2.49 4.92 3.78
CA TYR B 13 -1.05 4.78 3.92
C TYR B 13 -0.48 6.18 4.16
N VAL B 14 -0.14 6.43 5.42
CA VAL B 14 0.31 7.72 5.89
C VAL B 14 1.84 7.71 5.95
N ILE B 15 2.44 8.71 5.29
CA ILE B 15 3.86 8.71 5.01
C ILE B 15 4.48 10.03 5.47
N PHE B 16 5.47 9.93 6.34
CA PHE B 16 6.28 11.07 6.72
C PHE B 16 7.58 10.98 5.95
N THR B 17 7.99 12.11 5.36
CA THR B 17 9.16 12.15 4.49
C THR B 17 10.20 13.12 5.03
N ASN B 18 11.42 13.02 4.50
CA ASN B 18 12.46 13.96 4.78
C ASN B 18 12.29 15.11 3.82
N ASP B 19 11.33 15.97 4.16
CA ASP B 19 10.85 17.03 3.28
C ASP B 19 10.29 16.44 2.00
N PHE B 20 9.89 17.30 1.06
CA PHE B 20 9.30 16.80 -0.17
C PHE B 20 9.76 17.51 -1.44
N LYS B 21 10.01 16.68 -2.44
CA LYS B 21 10.45 17.10 -3.76
C LYS B 21 9.61 16.45 -4.86
N ILE B 22 9.04 17.27 -5.72
CA ILE B 22 8.33 16.81 -6.90
C ILE B 22 9.36 16.61 -8.01
N ASP B 23 9.28 15.48 -8.71
CA ASP B 23 10.18 15.13 -9.82
C ASP B 23 11.51 14.58 -9.31
N GLY B 24 11.57 14.31 -8.01
CA GLY B 24 12.80 13.85 -7.39
C GLY B 24 12.60 12.64 -6.51
N LEU B 25 13.72 12.06 -6.10
CA LEU B 25 13.74 10.94 -5.17
C LEU B 25 13.53 11.44 -3.75
N ASN B 26 12.52 10.87 -3.08
CA ASN B 26 12.18 11.20 -1.71
C ASN B 26 12.30 9.96 -0.86
N ARG B 27 12.86 10.10 0.34
CA ARG B 27 12.85 9.00 1.30
C ARG B 27 11.84 9.27 2.40
N ALA B 28 10.97 8.29 2.62
CA ALA B 28 10.04 8.32 3.73
C ALA B 28 10.82 7.89 4.96
N THR B 29 10.59 8.57 6.07
CA THR B 29 11.24 8.21 7.32
C THR B 29 10.35 7.42 8.27
N ALA B 30 9.03 7.52 8.08
CA ALA B 30 8.06 6.79 8.89
C ALA B 30 6.78 6.61 8.10
N THR B 31 6.15 5.45 8.22
CA THR B 31 4.89 5.21 7.56
C THR B 31 3.93 4.51 8.49
N TYR B 32 2.63 4.66 8.22
CA TYR B 32 1.59 4.02 9.00
C TYR B 32 0.53 3.50 8.05
N LYS B 33 -0.05 2.36 8.37
CA LYS B 33 -1.13 1.83 7.54
C LYS B 33 -2.36 1.57 8.39
N PHE B 34 -3.43 2.31 8.10
CA PHE B 34 -4.70 2.21 8.80
C PHE B 34 -5.77 1.70 7.87
N ALA B 35 -6.64 0.84 8.39
CA ALA B 35 -7.80 0.35 7.66
C ALA B 35 -8.86 1.45 7.62
N GLY B 36 -9.25 1.86 6.43
CA GLY B 36 -10.21 2.94 6.28
C GLY B 36 -11.56 2.45 5.78
N GLY B 37 -12.61 3.15 6.20
CA GLY B 37 -13.98 2.83 5.81
C GLY B 37 -14.93 3.31 6.87
N LYS B 38 -16.08 3.81 6.43
CA LYS B 38 -17.10 4.33 7.32
C LYS B 38 -17.83 3.21 8.08
N GLY B 39 -18.02 2.06 7.43
CA GLY B 39 -18.57 0.89 8.07
C GLY B 39 -17.60 0.32 9.10
N ILE B 40 -16.31 0.40 8.81
CA ILE B 40 -15.25 -0.03 9.74
C ILE B 40 -15.21 0.87 10.97
N ASN B 41 -15.33 2.19 10.75
CA ASN B 41 -15.40 3.17 11.84
C ASN B 41 -16.51 2.85 12.85
N VAL B 42 -17.72 2.58 12.35
CA VAL B 42 -18.85 2.20 13.21
C VAL B 42 -18.45 1.00 14.07
N SER B 43 -17.96 -0.05 13.42
CA SER B 43 -17.43 -1.24 14.09
C SER B 43 -16.39 -0.91 15.16
N ARG B 44 -15.49 0.04 14.87
CA ARG B 44 -14.49 0.51 15.83
C ARG B 44 -15.18 1.14 17.05
N VAL B 45 -16.11 2.04 16.80
CA VAL B 45 -16.81 2.71 17.92
C VAL B 45 -17.64 1.72 18.74
N LEU B 46 -18.33 0.80 18.06
CA LEU B 46 -19.12 -0.23 18.74
C LEU B 46 -18.28 -1.04 19.70
N LYS B 47 -17.12 -1.46 19.21
CA LYS B 47 -16.12 -2.16 20.01
C LYS B 47 -15.65 -1.29 21.19
N THR B 48 -15.39 -0.01 20.93
CA THR B 48 -15.07 0.96 22.00
C THR B 48 -16.13 0.93 23.11
N LEU B 49 -17.38 0.78 22.69
CA LEU B 49 -18.54 0.70 23.58
C LEU B 49 -18.85 -0.73 24.01
N ASP B 50 -17.92 -1.65 23.77
CA ASP B 50 -18.05 -3.05 24.20
C ASP B 50 -19.22 -3.80 23.56
N VAL B 51 -19.37 -3.60 22.25
CA VAL B 51 -20.45 -4.20 21.46
C VAL B 51 -19.84 -4.83 20.20
N GLU B 52 -20.11 -6.12 19.99
CA GLU B 52 -19.49 -6.83 18.86
C GLU B 52 -20.22 -6.55 17.56
N SER B 53 -19.46 -6.52 16.46
CA SER B 53 -20.02 -6.41 15.12
C SER B 53 -19.13 -7.17 14.15
N THR B 54 -19.70 -7.58 13.02
CA THR B 54 -18.99 -8.28 11.96
C THR B 54 -18.91 -7.34 10.76
N ALA B 55 -17.71 -6.99 10.34
CA ALA B 55 -17.54 -6.14 9.16
C ALA B 55 -17.72 -6.90 7.86
N LEU B 56 -18.66 -6.42 7.05
CA LEU B 56 -18.93 -6.91 5.71
C LEU B 56 -18.55 -5.84 4.69
N GLY B 57 -18.49 -6.23 3.42
CA GLY B 57 -18.05 -5.33 2.37
C GLY B 57 -17.19 -6.07 1.38
N PHE B 58 -16.33 -5.35 0.67
CA PHE B 58 -15.50 -5.96 -0.37
C PHE B 58 -14.02 -5.79 -0.09
N ALA B 59 -13.31 -6.91 -0.08
CA ALA B 59 -11.86 -6.94 0.10
C ALA B 59 -11.20 -7.79 -0.97
N GLY B 60 -10.02 -7.36 -1.41
CA GLY B 60 -9.25 -8.11 -2.40
C GLY B 60 -7.74 -7.93 -2.23
N GLY B 61 -7.00 -8.94 -2.68
CA GLY B 61 -5.53 -8.88 -2.71
C GLY B 61 -4.90 -8.73 -1.35
N PHE B 62 -3.62 -8.36 -1.30
CA PHE B 62 -2.91 -8.20 -0.02
C PHE B 62 -3.47 -7.07 0.85
N PRO B 63 -3.91 -5.94 0.25
CA PRO B 63 -4.51 -4.86 1.06
C PRO B 63 -5.82 -5.27 1.76
N GLY B 64 -6.58 -6.16 1.13
CA GLY B 64 -7.78 -6.72 1.73
C GLY B 64 -7.38 -7.61 2.90
N LYS B 65 -6.33 -8.39 2.69
CA LYS B 65 -5.75 -9.22 3.74
C LYS B 65 -5.38 -8.37 4.96
N PHE B 66 -4.64 -7.29 4.72
CA PHE B 66 -4.21 -6.37 5.76
C PHE B 66 -5.35 -5.89 6.64
N ILE B 67 -6.48 -5.54 6.01
CA ILE B 67 -7.61 -4.94 6.72
C ILE B 67 -8.30 -6.00 7.58
N ILE B 68 -8.52 -7.18 7.01
CA ILE B 68 -9.05 -8.33 7.74
C ILE B 68 -8.20 -8.57 9.02
N ASP B 69 -6.88 -8.59 8.83
CA ASP B 69 -5.94 -8.76 9.92
C ASP B 69 -5.98 -7.70 11.01
N THR B 70 -6.04 -6.45 10.56
CA THR B 70 -6.10 -5.29 11.44
C THR B 70 -7.31 -5.44 12.34
N LEU B 71 -8.42 -5.87 11.75
CA LEU B 71 -9.70 -6.03 12.44
C LEU B 71 -9.69 -7.22 13.42
N ASN B 72 -9.06 -8.32 13.02
CA ASN B 72 -8.77 -9.45 13.91
C ASN B 72 -7.94 -9.01 15.12
N ASN B 73 -6.95 -8.15 14.86
CA ASN B 73 -6.05 -7.66 15.90
C ASN B 73 -6.82 -6.78 16.87
N SER B 74 -7.94 -6.23 16.40
CA SER B 74 -8.83 -5.43 17.23
C SER B 74 -9.93 -6.26 17.86
N ALA B 75 -10.01 -7.53 17.48
CA ALA B 75 -11.09 -8.43 17.91
C ALA B 75 -12.43 -7.95 17.37
N ILE B 76 -12.39 -7.40 16.15
CA ILE B 76 -13.57 -7.13 15.36
C ILE B 76 -13.63 -8.24 14.32
N GLN B 77 -14.75 -8.94 14.26
CA GLN B 77 -14.96 -10.00 13.27
C GLN B 77 -15.18 -9.40 11.89
N SER B 78 -14.86 -10.18 10.86
CA SER B 78 -15.16 -9.78 9.49
C SER B 78 -15.54 -10.97 8.61
N ASN B 79 -16.34 -10.68 7.58
CA ASN B 79 -16.64 -11.63 6.51
C ASN B 79 -16.79 -10.92 5.15
N PHE B 80 -15.76 -10.17 4.74
CA PHE B 80 -15.77 -9.49 3.45
C PHE B 80 -15.84 -10.46 2.29
N ILE B 81 -16.46 -9.99 1.21
CA ILE B 81 -16.48 -10.71 -0.04
C ILE B 81 -15.13 -10.54 -0.71
N GLU B 82 -14.48 -11.65 -1.01
CA GLU B 82 -13.22 -11.65 -1.75
C GLU B 82 -13.47 -11.24 -3.21
N VAL B 83 -12.86 -10.13 -3.62
CA VAL B 83 -12.93 -9.71 -5.02
C VAL B 83 -11.54 -9.89 -5.68
N ASP B 84 -11.48 -9.74 -7.00
CA ASP B 84 -10.28 -10.10 -7.76
C ASP B 84 -9.25 -8.98 -7.92
N GLU B 85 -9.65 -7.75 -7.61
CA GLU B 85 -8.69 -6.64 -7.62
C GLU B 85 -8.38 -6.15 -6.22
N ASP B 86 -7.17 -5.62 -6.04
CA ASP B 86 -6.70 -5.15 -4.75
C ASP B 86 -7.61 -4.12 -4.12
N THR B 87 -7.83 -4.25 -2.81
CA THR B 87 -8.37 -3.14 -2.03
C THR B 87 -7.51 -1.89 -2.25
N ARG B 88 -8.15 -0.73 -2.38
CA ARG B 88 -7.41 0.51 -2.65
C ARG B 88 -6.49 0.93 -1.51
N ILE B 89 -5.36 1.53 -1.90
CA ILE B 89 -4.41 2.10 -0.95
C ILE B 89 -4.37 3.59 -1.24
N ASN B 90 -4.95 4.37 -0.33
CA ASN B 90 -4.89 5.82 -0.39
C ASN B 90 -3.67 6.32 0.36
N VAL B 91 -2.96 7.27 -0.26
CA VAL B 91 -1.72 7.82 0.29
C VAL B 91 -1.96 9.19 0.88
N LYS B 92 -1.50 9.37 2.11
CA LYS B 92 -1.57 10.67 2.77
C LYS B 92 -0.16 11.10 3.11
N LEU B 93 0.29 12.20 2.53
CA LEU B 93 1.63 12.71 2.77
C LEU B 93 1.57 13.83 3.80
N LYS B 94 2.30 13.65 4.89
CA LYS B 94 2.15 14.51 6.07
C LYS B 94 3.34 15.44 6.36
N THR B 95 4.43 15.34 5.61
CA THR B 95 5.62 16.17 5.88
C THR B 95 5.57 17.52 5.18
N GLY B 96 5.52 18.58 5.98
CA GLY B 96 5.26 19.92 5.50
C GLY B 96 3.81 19.96 5.04
N GLN B 97 3.63 20.03 3.72
CA GLN B 97 2.30 20.17 3.16
C GLN B 97 1.57 18.82 3.16
N GLU B 98 0.33 18.83 3.64
CA GLU B 98 -0.45 17.61 3.83
C GLU B 98 -1.38 17.27 2.66
N THR B 99 -0.97 16.25 1.91
CA THR B 99 -1.48 15.97 0.58
C THR B 99 -2.10 14.58 0.53
N GLU B 100 -3.20 14.47 -0.20
CA GLU B 100 -3.95 13.23 -0.29
C GLU B 100 -3.91 12.68 -1.72
N ILE B 101 -3.75 11.36 -1.83
CA ILE B 101 -3.69 10.74 -3.15
C ILE B 101 -4.57 9.49 -3.16
N ASN B 102 -5.81 9.66 -3.62
CA ASN B 102 -6.81 8.59 -3.57
C ASN B 102 -6.94 7.77 -4.85
N ALA B 103 -6.94 6.44 -4.67
CA ALA B 103 -7.09 5.48 -5.76
C ALA B 103 -8.54 5.06 -5.96
N PRO B 104 -8.91 4.66 -7.19
CA PRO B 104 -10.27 4.16 -7.42
C PRO B 104 -10.38 2.78 -6.79
N GLY B 105 -11.59 2.35 -6.46
CA GLY B 105 -11.78 1.05 -5.86
C GLY B 105 -11.49 -0.07 -6.83
N PRO B 106 -11.38 -1.32 -6.34
CA PRO B 106 -11.22 -2.47 -7.24
C PRO B 106 -12.49 -2.70 -8.05
N HIS B 107 -12.36 -3.40 -9.18
CA HIS B 107 -13.54 -3.88 -9.90
C HIS B 107 -14.21 -5.00 -9.12
N ILE B 108 -15.53 -4.89 -8.96
CA ILE B 108 -16.33 -5.89 -8.26
C ILE B 108 -17.38 -6.40 -9.26
N THR B 109 -17.34 -7.70 -9.56
CA THR B 109 -18.26 -8.35 -10.50
C THR B 109 -19.67 -8.37 -9.93
N SER B 110 -20.65 -8.69 -10.78
CA SER B 110 -22.03 -8.91 -10.34
C SER B 110 -22.15 -10.13 -9.41
N THR B 111 -21.42 -11.20 -9.72
CA THR B 111 -21.38 -12.37 -8.83
C THR B 111 -20.95 -11.99 -7.41
N GLN B 112 -19.96 -11.12 -7.32
CA GLN B 112 -19.45 -10.68 -6.02
C GLN B 112 -20.44 -9.82 -5.24
N PHE B 113 -21.07 -8.86 -5.91
CA PHE B 113 -22.11 -8.07 -5.26
C PHE B 113 -23.23 -8.98 -4.78
N GLU B 114 -23.54 -10.01 -5.57
CA GLU B 114 -24.56 -11.01 -5.20
C GLU B 114 -24.16 -11.79 -3.94
N GLN B 115 -22.87 -12.11 -3.82
CA GLN B 115 -22.36 -12.83 -2.64
C GLN B 115 -22.59 -12.03 -1.34
N LEU B 116 -22.49 -10.70 -1.42
CA LEU B 116 -22.78 -9.83 -0.30
C LEU B 116 -24.28 -9.84 0.00
N LEU B 117 -25.10 -9.65 -1.04
CA LEU B 117 -26.54 -9.71 -0.88
C LEU B 117 -26.94 -11.04 -0.25
N GLN B 118 -26.25 -12.11 -0.61
CA GLN B 118 -26.51 -13.44 -0.06
C GLN B 118 -26.31 -13.47 1.46
N GLN B 119 -25.37 -12.69 1.97
CA GLN B 119 -25.20 -12.56 3.41
C GLN B 119 -26.34 -11.84 4.10
N ILE B 120 -26.82 -10.76 3.47
CA ILE B 120 -27.96 -9.97 3.98
C ILE B 120 -29.22 -10.82 3.95
N LYS B 121 -29.27 -11.75 2.99
CA LYS B 121 -30.33 -12.73 2.89
C LYS B 121 -30.29 -13.72 4.06
N ASN B 122 -29.11 -13.94 4.62
CA ASN B 122 -28.94 -14.84 5.78
C ASN B 122 -29.12 -14.19 7.15
N THR B 123 -29.49 -12.91 7.17
CA THR B 123 -29.80 -12.21 8.42
C THR B 123 -31.18 -12.59 8.95
N THR B 124 -31.39 -12.33 10.23
CA THR B 124 -32.66 -12.60 10.89
C THR B 124 -33.20 -11.33 11.55
N SER B 125 -34.35 -11.47 12.22
CA SER B 125 -35.08 -10.38 12.88
C SER B 125 -34.30 -9.66 13.98
N GLU B 126 -33.29 -10.34 14.48
CA GLU B 126 -32.55 -9.82 15.61
C GLU B 126 -31.21 -9.21 15.19
N ASP B 127 -30.92 -9.26 13.89
CA ASP B 127 -29.70 -8.69 13.33
C ASP B 127 -29.94 -7.23 12.97
N ILE B 128 -28.88 -6.43 13.08
CA ILE B 128 -28.88 -5.03 12.68
C ILE B 128 -27.89 -4.93 11.52
N VAL B 129 -28.35 -4.34 10.41
CA VAL B 129 -27.48 -4.10 9.26
C VAL B 129 -27.24 -2.58 9.06
N ILE B 130 -25.97 -2.20 9.21
CA ILE B 130 -25.56 -0.79 9.12
C ILE B 130 -24.78 -0.59 7.83
N VAL B 131 -25.37 0.13 6.88
CA VAL B 131 -24.66 0.42 5.65
C VAL B 131 -24.11 1.85 5.70
N ALA B 132 -22.84 2.00 5.37
CA ALA B 132 -22.14 3.27 5.59
C ALA B 132 -21.27 3.67 4.43
N GLY B 133 -21.39 4.93 4.03
CA GLY B 133 -20.50 5.55 3.07
C GLY B 133 -20.94 5.46 1.62
N SER B 134 -20.06 5.95 0.76
CA SER B 134 -20.30 6.06 -0.67
C SER B 134 -20.48 4.71 -1.35
N VAL B 135 -21.18 4.74 -2.48
CA VAL B 135 -21.27 3.58 -3.35
C VAL B 135 -20.19 3.69 -4.43
N PRO B 136 -19.22 2.74 -4.44
CA PRO B 136 -18.19 2.69 -5.46
C PRO B 136 -18.78 2.53 -6.87
N SER B 137 -17.96 2.76 -7.89
CA SER B 137 -18.47 2.79 -9.26
C SER B 137 -18.78 1.42 -9.84
N SER B 138 -18.11 0.37 -9.36
CA SER B 138 -18.31 -0.96 -9.95
C SER B 138 -19.28 -1.86 -9.20
N ILE B 139 -20.14 -1.25 -8.37
CA ILE B 139 -21.32 -1.93 -7.85
C ILE B 139 -22.58 -1.13 -8.25
N PRO B 140 -23.77 -1.77 -8.22
CA PRO B 140 -24.99 -1.07 -8.65
C PRO B 140 -25.24 0.17 -7.81
N SER B 141 -25.75 1.21 -8.46
CA SER B 141 -25.88 2.52 -7.82
C SER B 141 -26.96 2.52 -6.76
N ASP B 142 -27.81 1.49 -6.79
CA ASP B 142 -28.92 1.36 -5.84
C ASP B 142 -28.62 0.25 -4.84
N ALA B 143 -27.33 0.06 -4.57
CA ALA B 143 -26.86 -0.94 -3.62
C ALA B 143 -27.52 -0.84 -2.24
N TYR B 144 -27.74 0.40 -1.78
CA TYR B 144 -28.43 0.64 -0.50
C TYR B 144 -29.88 0.16 -0.51
N ALA B 145 -30.58 0.40 -1.61
CA ALA B 145 -32.00 0.04 -1.72
C ALA B 145 -32.20 -1.46 -1.86
N GLN B 146 -31.22 -2.14 -2.47
CA GLN B 146 -31.19 -3.58 -2.65
C GLN B 146 -30.98 -4.25 -1.31
N ILE B 147 -29.99 -3.79 -0.57
CA ILE B 147 -29.73 -4.31 0.79
C ILE B 147 -30.97 -4.13 1.68
N ALA B 148 -31.56 -2.94 1.61
CA ALA B 148 -32.77 -2.59 2.37
C ALA B 148 -33.92 -3.51 2.02
N GLN B 149 -34.14 -3.69 0.71
CA GLN B 149 -35.21 -4.55 0.22
C GLN B 149 -35.09 -5.95 0.81
N ILE B 150 -33.86 -6.47 0.89
CA ILE B 150 -33.60 -7.76 1.52
C ILE B 150 -33.89 -7.75 3.03
N THR B 151 -33.46 -6.71 3.75
CA THR B 151 -33.73 -6.61 5.20
C THR B 151 -35.22 -6.60 5.51
N ALA B 152 -36.00 -5.91 4.66
CA ALA B 152 -37.45 -5.90 4.77
C ALA B 152 -38.02 -7.32 4.67
N GLN B 153 -37.32 -8.20 3.95
CA GLN B 153 -37.79 -9.58 3.77
C GLN B 153 -37.32 -10.50 4.90
N THR B 154 -36.19 -10.16 5.52
CA THR B 154 -35.65 -10.99 6.61
C THR B 154 -36.13 -10.53 7.99
N GLY B 155 -36.45 -9.24 8.11
CA GLY B 155 -36.83 -8.66 9.40
C GLY B 155 -35.67 -7.94 10.05
N ALA B 156 -34.46 -8.18 9.56
CA ALA B 156 -33.25 -7.49 10.06
C ALA B 156 -33.45 -5.98 10.11
N LYS B 157 -32.80 -5.34 11.08
CA LYS B 157 -32.97 -3.92 11.33
C LYS B 157 -31.97 -3.18 10.48
N LEU B 158 -32.47 -2.33 9.59
CA LEU B 158 -31.62 -1.58 8.71
C LEU B 158 -31.29 -0.20 9.27
N VAL B 159 -30.00 0.11 9.35
CA VAL B 159 -29.57 1.46 9.68
C VAL B 159 -28.67 2.01 8.58
N VAL B 160 -28.99 3.21 8.10
CA VAL B 160 -28.24 3.82 7.01
C VAL B 160 -27.42 5.00 7.51
N ASP B 161 -26.12 4.97 7.21
CA ASP B 161 -25.21 6.06 7.53
C ASP B 161 -24.63 6.60 6.22
N ALA B 162 -25.45 7.35 5.51
CA ALA B 162 -25.08 7.94 4.21
C ALA B 162 -25.79 9.27 4.03
N GLU B 163 -25.41 9.99 2.97
CA GLU B 163 -26.06 11.26 2.67
C GLU B 163 -27.52 11.04 2.24
N LYS B 164 -28.29 12.13 2.20
CA LYS B 164 -29.75 12.07 2.09
C LYS B 164 -30.32 11.14 1.01
N GLU B 165 -29.77 11.24 -0.21
CA GLU B 165 -30.35 10.60 -1.41
C GLU B 165 -30.36 9.07 -1.35
N LEU B 166 -29.42 8.50 -0.61
CA LEU B 166 -29.36 7.04 -0.40
C LEU B 166 -30.24 6.60 0.77
N ALA B 167 -30.39 7.49 1.75
CA ALA B 167 -31.31 7.28 2.86
C ALA B 167 -32.74 7.42 2.38
N GLU B 168 -32.99 8.37 1.48
CA GLU B 168 -34.29 8.56 0.86
C GLU B 168 -34.69 7.29 0.10
N SER B 169 -33.73 6.71 -0.63
CA SER B 169 -33.98 5.51 -1.40
C SER B 169 -34.38 4.28 -0.55
N VAL B 170 -33.95 4.25 0.71
CA VAL B 170 -34.30 3.11 1.59
C VAL B 170 -35.59 3.30 2.39
N LEU B 171 -36.11 4.53 2.41
CA LEU B 171 -37.35 4.86 3.12
C LEU B 171 -38.50 3.82 3.06
N PRO B 172 -38.89 3.38 1.84
CA PRO B 172 -40.01 2.42 1.74
C PRO B 172 -39.75 1.08 2.44
N TYR B 173 -38.51 0.87 2.86
CA TYR B 173 -38.14 -0.43 3.42
C TYR B 173 -38.05 -0.41 4.94
N HIS B 174 -38.52 0.71 5.53
CA HIS B 174 -38.64 0.93 6.96
C HIS B 174 -37.33 0.70 7.70
N PRO B 175 -36.33 1.58 7.48
CA PRO B 175 -35.11 1.42 8.25
C PRO B 175 -35.38 1.65 9.72
N LEU B 176 -34.50 1.13 10.58
CA LEU B 176 -34.55 1.38 12.02
C LEU B 176 -34.32 2.87 12.30
N PHE B 177 -33.28 3.44 11.67
CA PHE B 177 -33.15 4.90 11.57
C PHE B 177 -32.26 5.39 10.43
N ILE B 178 -32.57 6.59 9.98
CA ILE B 178 -31.74 7.37 9.07
C ILE B 178 -31.28 8.58 9.86
N LYS B 179 -30.26 9.28 9.37
CA LYS B 179 -29.62 10.35 10.13
C LYS B 179 -29.32 11.56 9.26
N PRO B 180 -30.37 12.26 8.77
CA PRO B 180 -30.11 13.49 8.01
C PRO B 180 -29.70 14.69 8.88
N ASN B 181 -29.25 15.77 8.27
CA ASN B 181 -29.05 16.98 9.04
C ASN B 181 -30.14 18.02 8.77
N LYS B 182 -30.16 19.07 9.58
CA LYS B 182 -31.16 20.12 9.46
C LYS B 182 -31.20 20.69 8.03
N ASP B 183 -30.03 20.81 7.41
CA ASP B 183 -29.93 21.41 6.07
C ASP B 183 -30.44 20.49 4.97
N GLU B 184 -30.31 19.18 5.16
CA GLU B 184 -30.86 18.20 4.23
C GLU B 184 -32.39 18.22 4.25
N LEU B 185 -32.96 18.44 5.43
CA LEU B 185 -34.41 18.60 5.60
C LEU B 185 -34.97 19.76 4.80
N GLU B 186 -34.27 20.89 4.86
CA GLU B 186 -34.66 22.11 4.12
C GLU B 186 -34.71 21.85 2.61
N VAL B 187 -33.75 21.06 2.12
CA VAL B 187 -33.73 20.70 0.71
C VAL B 187 -34.84 19.70 0.38
N MET B 188 -34.93 18.60 1.13
CA MET B 188 -35.95 17.58 0.89
C MET B 188 -37.35 18.19 0.74
N PHE B 189 -37.71 19.05 1.68
CA PHE B 189 -39.08 19.54 1.80
C PHE B 189 -39.31 20.94 1.25
N ASN B 190 -38.26 21.52 0.67
CA ASN B 190 -38.29 22.88 0.12
C ASN B 190 -38.87 23.92 1.09
N THR B 191 -38.35 23.91 2.31
CA THR B 191 -38.81 24.81 3.35
C THR B 191 -37.66 25.23 4.27
N THR B 192 -37.84 26.33 4.99
CA THR B 192 -36.89 26.73 6.01
C THR B 192 -37.18 25.96 7.31
N VAL B 193 -36.18 25.24 7.83
CA VAL B 193 -36.26 24.59 9.13
C VAL B 193 -35.48 25.39 10.21
N ASN B 194 -36.19 25.98 11.16
CA ASN B 194 -35.59 26.95 12.10
C ASN B 194 -36.10 26.88 13.54
N SER B 195 -36.64 25.73 13.92
CA SER B 195 -37.06 25.51 15.30
C SER B 195 -37.08 24.01 15.55
N ASP B 196 -36.98 23.63 16.82
CA ASP B 196 -37.00 22.23 17.18
C ASP B 196 -38.33 21.58 16.81
N ALA B 197 -39.41 22.36 16.84
CA ALA B 197 -40.75 21.91 16.45
C ALA B 197 -40.83 21.68 14.95
N ASP B 198 -40.13 22.51 14.19
CA ASP B 198 -40.04 22.32 12.75
C ASP B 198 -39.20 21.10 12.41
N VAL B 199 -38.14 20.89 13.19
CA VAL B 199 -37.36 19.68 13.03
C VAL B 199 -38.24 18.45 13.26
N ILE B 200 -39.02 18.47 14.35
CA ILE B 200 -39.92 17.37 14.70
C ILE B 200 -40.89 17.09 13.55
N LYS B 201 -41.42 18.17 12.98
CA LYS B 201 -42.45 18.10 11.94
C LYS B 201 -41.96 17.42 10.66
N TYR B 202 -40.78 17.79 10.18
CA TYR B 202 -40.31 17.23 8.93
C TYR B 202 -39.68 15.84 9.12
N GLY B 203 -39.12 15.62 10.31
CA GLY B 203 -38.62 14.31 10.71
C GLY B 203 -39.74 13.29 10.83
N ARG B 204 -40.89 13.75 11.33
CA ARG B 204 -42.05 12.89 11.41
C ARG B 204 -42.71 12.62 10.05
N LEU B 205 -42.60 13.55 9.11
CA LEU B 205 -43.05 13.29 7.73
C LEU B 205 -42.19 12.24 7.03
N LEU B 206 -40.90 12.20 7.36
CA LEU B 206 -40.00 11.15 6.89
C LEU B 206 -40.34 9.81 7.54
N VAL B 207 -40.79 9.86 8.79
CA VAL B 207 -41.32 8.68 9.45
C VAL B 207 -42.59 8.19 8.74
N ASP B 208 -43.45 9.13 8.33
CA ASP B 208 -44.62 8.83 7.49
C ASP B 208 -44.21 8.16 6.17
N LYS B 209 -43.03 8.54 5.66
CA LYS B 209 -42.58 8.04 4.36
C LYS B 209 -41.88 6.68 4.48
N GLY B 210 -41.67 6.22 5.71
CA GLY B 210 -41.19 4.85 5.94
C GLY B 210 -40.20 4.66 7.08
N ALA B 211 -39.46 5.70 7.42
CA ALA B 211 -38.45 5.62 8.48
C ALA B 211 -39.09 5.26 9.81
N GLN B 212 -38.52 4.26 10.52
CA GLN B 212 -39.00 3.93 11.86
C GLN B 212 -38.63 5.02 12.85
N SER B 213 -37.44 5.59 12.67
CA SER B 213 -36.99 6.68 13.49
C SER B 213 -35.97 7.50 12.72
N VAL B 214 -35.88 8.78 13.08
CA VAL B 214 -34.99 9.74 12.44
C VAL B 214 -34.18 10.45 13.53
N ILE B 215 -32.87 10.55 13.31
CA ILE B 215 -32.00 11.42 14.09
C ILE B 215 -31.66 12.60 13.18
N VAL B 216 -32.06 13.79 13.59
CA VAL B 216 -31.68 14.99 12.83
C VAL B 216 -30.49 15.66 13.48
N SER B 217 -29.34 15.55 12.83
CA SER B 217 -28.10 16.11 13.31
C SER B 217 -28.15 17.63 13.18
N LEU B 218 -27.78 18.36 14.23
CA LEU B 218 -27.90 19.83 14.24
C LEU B 218 -26.56 20.52 14.39
N GLY B 219 -25.49 19.72 14.42
CA GLY B 219 -24.14 20.24 14.58
C GLY B 219 -23.76 20.25 16.05
N GLY B 220 -22.96 21.24 16.43
CA GLY B 220 -22.61 21.46 17.83
C GLY B 220 -23.81 21.86 18.66
N ASP B 221 -24.94 22.11 18.00
CA ASP B 221 -26.21 22.44 18.66
C ASP B 221 -27.01 21.18 19.04
N GLY B 222 -26.35 20.03 18.97
CA GLY B 222 -26.95 18.76 19.38
C GLY B 222 -27.64 18.03 18.26
N ALA B 223 -28.77 17.41 18.59
CA ALA B 223 -29.53 16.60 17.64
C ALA B 223 -30.91 16.29 18.18
N ILE B 224 -31.81 15.95 17.27
CA ILE B 224 -33.17 15.56 17.63
C ILE B 224 -33.47 14.17 17.11
N TYR B 225 -34.01 13.34 17.99
CA TYR B 225 -34.53 12.04 17.61
C TYR B 225 -36.05 12.11 17.41
N ILE B 226 -36.54 11.51 16.31
CA ILE B 226 -37.97 11.50 16.03
C ILE B 226 -38.52 10.08 15.79
N ASP B 227 -39.57 9.79 16.53
CA ASP B 227 -40.33 8.56 16.46
C ASP B 227 -41.72 8.90 15.94
N LYS B 228 -42.51 7.86 15.71
CA LYS B 228 -43.94 8.01 15.47
C LYS B 228 -44.66 8.56 16.70
N GLU B 229 -44.09 8.33 17.88
CA GLU B 229 -44.78 8.69 19.13
C GLU B 229 -44.00 9.56 20.12
N ILE B 230 -42.72 9.77 19.84
CA ILE B 230 -41.87 10.63 20.68
C ILE B 230 -40.87 11.41 19.84
N SER B 231 -40.47 12.58 20.33
CA SER B 231 -39.27 13.23 19.86
C SER B 231 -38.41 13.66 21.04
N ILE B 232 -37.08 13.59 20.87
CA ILE B 232 -36.13 13.92 21.95
C ILE B 232 -35.15 14.98 21.45
N LYS B 233 -34.80 15.91 22.33
CA LYS B 233 -33.77 16.91 22.07
C LYS B 233 -32.57 16.66 22.95
N ALA B 234 -31.41 16.49 22.34
CA ALA B 234 -30.17 16.33 23.06
C ALA B 234 -29.28 17.52 22.83
N VAL B 235 -28.81 18.11 23.92
CA VAL B 235 -27.84 19.20 23.86
C VAL B 235 -26.51 18.72 24.42
N ASN B 236 -25.49 18.78 23.58
CA ASN B 236 -24.12 18.37 23.92
C ASN B 236 -23.35 19.49 24.60
N PRO B 237 -22.29 19.17 25.37
CA PRO B 237 -21.47 20.24 25.94
C PRO B 237 -20.62 20.93 24.87
N GLN B 238 -20.32 22.22 25.08
CA GLN B 238 -19.42 22.98 24.20
C GLN B 238 -17.96 22.63 24.49
N GLY B 239 -17.10 22.85 23.50
CA GLY B 239 -15.66 22.61 23.60
C GLY B 239 -14.98 22.73 22.25
N LYS B 240 -13.65 22.84 22.27
CA LYS B 240 -12.86 22.90 21.02
C LYS B 240 -13.05 21.64 20.16
N VAL B 241 -13.53 21.85 18.93
CA VAL B 241 -13.62 20.78 17.94
C VAL B 241 -12.26 20.57 17.30
N VAL B 242 -11.77 19.34 17.38
CA VAL B 242 -10.46 18.98 16.82
C VAL B 242 -10.60 18.31 15.44
N ASN B 243 -11.50 17.35 15.32
CA ASN B 243 -11.68 16.61 14.08
C ASN B 243 -13.04 15.93 14.04
N THR B 244 -13.94 16.44 13.18
CA THR B 244 -15.29 15.90 13.06
C THR B 244 -15.41 14.67 12.15
N VAL B 245 -14.31 14.27 11.53
CA VAL B 245 -14.33 13.07 10.70
C VAL B 245 -14.61 11.90 11.63
N GLY B 246 -15.63 11.12 11.32
CA GLY B 246 -16.01 10.00 12.15
C GLY B 246 -17.18 10.28 13.09
N SER B 247 -17.44 11.55 13.36
CA SER B 247 -18.52 11.93 14.29
C SER B 247 -19.88 11.33 13.90
N GLY B 248 -20.19 11.35 12.60
CA GLY B 248 -21.40 10.73 12.08
C GLY B 248 -21.42 9.23 12.28
N ASP B 249 -20.32 8.56 11.91
CA ASP B 249 -20.14 7.12 12.19
C ASP B 249 -20.30 6.82 13.68
N SER B 250 -19.76 7.71 14.51
CA SER B 250 -19.82 7.57 15.95
C SER B 250 -21.25 7.68 16.45
N THR B 251 -21.96 8.73 16.03
CA THR B 251 -23.35 8.95 16.42
C THR B 251 -24.15 7.71 16.08
N VAL B 252 -24.09 7.31 14.81
CA VAL B 252 -24.72 6.08 14.39
C VAL B 252 -24.36 4.93 15.33
N ALA B 253 -23.07 4.71 15.56
CA ALA B 253 -22.61 3.57 16.37
C ALA B 253 -23.01 3.63 17.84
N GLY B 254 -23.03 4.83 18.42
CA GLY B 254 -23.47 5.04 19.79
C GLY B 254 -24.93 4.68 19.95
N MET B 255 -25.74 5.14 19.00
CA MET B 255 -27.16 4.82 18.97
C MET B 255 -27.42 3.33 18.92
N VAL B 256 -26.80 2.67 17.93
CA VAL B 256 -26.94 1.23 17.74
C VAL B 256 -26.50 0.44 18.99
N ALA B 257 -25.30 0.75 19.50
CA ALA B 257 -24.78 0.08 20.69
C ALA B 257 -25.75 0.19 21.85
N GLY B 258 -26.30 1.39 22.04
CA GLY B 258 -27.28 1.67 23.09
C GLY B 258 -28.54 0.83 22.91
N ILE B 259 -29.01 0.70 21.67
CA ILE B 259 -30.17 -0.11 21.37
C ILE B 259 -29.82 -1.58 21.64
N ALA B 260 -28.71 -2.04 21.06
CA ALA B 260 -28.26 -3.42 21.18
C ALA B 260 -28.06 -3.87 22.62
N SER B 261 -27.64 -2.95 23.49
CA SER B 261 -27.26 -3.30 24.85
C SER B 261 -28.36 -2.97 25.87
N GLY B 262 -29.56 -2.67 25.36
CA GLY B 262 -30.74 -2.59 26.20
C GLY B 262 -31.01 -1.25 26.85
N LEU B 263 -30.35 -0.19 26.36
CA LEU B 263 -30.66 1.18 26.78
C LEU B 263 -31.97 1.65 26.18
N SER B 264 -32.62 2.60 26.85
CA SER B 264 -33.80 3.27 26.32
C SER B 264 -33.44 4.08 25.07
N ILE B 265 -34.45 4.38 24.26
CA ILE B 265 -34.26 5.27 23.13
C ILE B 265 -33.57 6.55 23.61
N GLU B 266 -34.12 7.15 24.65
CA GLU B 266 -33.61 8.38 25.24
C GLU B 266 -32.11 8.31 25.54
N LYS B 267 -31.70 7.28 26.27
CA LYS B 267 -30.32 7.09 26.68
C LYS B 267 -29.41 6.60 25.57
N ALA B 268 -29.97 5.85 24.62
CA ALA B 268 -29.21 5.42 23.44
C ALA B 268 -28.91 6.64 22.57
N PHE B 269 -29.90 7.52 22.44
CA PHE B 269 -29.70 8.78 21.74
C PHE B 269 -28.66 9.64 22.45
N GLN B 270 -28.72 9.69 23.78
CA GLN B 270 -27.74 10.42 24.57
C GLN B 270 -26.32 9.90 24.34
N GLN B 271 -26.16 8.58 24.39
CA GLN B 271 -24.88 7.96 24.05
C GLN B 271 -24.43 8.35 22.65
N ALA B 272 -25.34 8.25 21.68
CA ALA B 272 -25.09 8.58 20.28
C ALA B 272 -24.45 9.95 20.12
N VAL B 273 -25.09 10.96 20.72
CA VAL B 273 -24.67 12.37 20.62
C VAL B 273 -23.31 12.57 21.28
N ALA B 274 -23.13 11.94 22.44
CA ALA B 274 -21.86 11.95 23.17
C ALA B 274 -20.76 11.31 22.36
N CYS B 275 -21.09 10.23 21.64
CA CYS B 275 -20.14 9.60 20.73
C CYS B 275 -19.71 10.54 19.61
N GLY B 276 -20.68 11.06 18.87
CA GLY B 276 -20.42 12.07 17.85
C GLY B 276 -19.65 13.28 18.35
N THR B 277 -19.97 13.71 19.57
CA THR B 277 -19.29 14.86 20.19
C THR B 277 -17.87 14.49 20.64
N ALA B 278 -17.74 13.34 21.31
CA ALA B 278 -16.45 12.82 21.72
C ALA B 278 -15.45 12.79 20.56
N THR B 279 -15.82 12.10 19.48
CA THR B 279 -15.01 12.06 18.24
C THR B 279 -14.64 13.46 17.74
N ALA B 280 -15.64 14.34 17.65
CA ALA B 280 -15.44 15.73 17.27
C ALA B 280 -14.34 16.42 18.10
N PHE B 281 -14.37 16.23 19.41
CA PHE B 281 -13.39 16.83 20.31
C PHE B 281 -12.02 16.15 20.27
N ASP B 282 -11.95 14.98 19.64
CA ASP B 282 -10.67 14.24 19.56
C ASP B 282 -10.01 14.36 18.18
N GLU B 283 -8.70 14.11 18.13
CA GLU B 283 -7.94 14.03 16.88
C GLU B 283 -8.56 12.98 15.97
N ASP B 284 -8.84 11.81 16.54
CA ASP B 284 -9.41 10.69 15.81
C ASP B 284 -10.73 10.25 16.46
N LEU B 285 -11.04 8.96 16.38
CA LEU B 285 -12.21 8.37 17.04
C LEU B 285 -12.06 8.32 18.55
N ALA B 286 -13.17 8.54 19.25
CA ALA B 286 -13.20 8.68 20.70
C ALA B 286 -12.78 7.43 21.49
N THR B 287 -12.09 7.67 22.63
CA THR B 287 -11.85 6.65 23.64
C THR B 287 -13.16 6.45 24.41
N ARG B 288 -13.29 5.33 25.13
CA ARG B 288 -14.51 5.07 25.92
C ARG B 288 -14.70 6.07 27.05
N ASP B 289 -13.63 6.34 27.79
CA ASP B 289 -13.65 7.25 28.93
C ASP B 289 -13.99 8.68 28.51
N ALA B 290 -13.73 9.01 27.24
CA ALA B 290 -14.14 10.30 26.69
C ALA B 290 -15.64 10.32 26.43
N ILE B 291 -16.15 9.21 25.89
CA ILE B 291 -17.58 9.03 25.61
C ILE B 291 -18.43 9.13 26.89
N GLU B 292 -18.04 8.38 27.92
CA GLU B 292 -18.73 8.37 29.20
C GLU B 292 -18.66 9.73 29.89
N LYS B 293 -17.52 10.42 29.74
CA LYS B 293 -17.32 11.75 30.29
C LYS B 293 -18.35 12.72 29.70
N ILE B 294 -18.52 12.65 28.39
CA ILE B 294 -19.42 13.56 27.67
C ILE B 294 -20.91 13.24 27.84
N LYS B 295 -21.26 11.96 27.93
CA LYS B 295 -22.69 11.61 28.00
C LYS B 295 -23.40 12.01 29.31
N SER B 296 -22.63 12.27 30.36
CA SER B 296 -23.15 12.91 31.58
C SER B 296 -23.46 14.39 31.33
N GLN B 297 -22.67 14.99 30.45
CA GLN B 297 -22.77 16.41 30.12
C GLN B 297 -23.80 16.66 29.00
N VAL B 298 -24.28 15.58 28.38
CA VAL B 298 -25.31 15.66 27.38
C VAL B 298 -26.66 15.67 28.08
N THR B 299 -27.47 16.69 27.81
CA THR B 299 -28.78 16.81 28.43
C THR B 299 -29.87 16.30 27.49
N ILE B 300 -30.74 15.44 28.01
CA ILE B 300 -31.87 14.91 27.26
C ILE B 300 -33.15 15.62 27.69
N SER B 301 -33.98 15.95 26.72
CA SER B 301 -35.27 16.53 26.97
C SER B 301 -36.30 15.95 25.99
N VAL B 302 -37.47 15.58 26.50
CA VAL B 302 -38.55 15.08 25.67
C VAL B 302 -39.26 16.26 25.02
N LEU B 303 -39.30 16.26 23.69
CA LEU B 303 -39.91 17.36 22.95
C LEU B 303 -41.41 17.16 22.82
N ASP B 304 -41.85 15.98 22.39
CA ASP B 304 -43.29 15.65 22.31
C ASP B 304 -43.55 14.14 22.43
N GLY B 305 -44.81 13.77 22.62
CA GLY B 305 -45.22 12.37 22.85
C GLY B 305 -44.62 11.69 24.09
N GLU B 306 -44.55 10.36 24.06
CA GLU B 306 -44.21 9.56 25.24
C GLU B 306 -43.43 8.30 24.90
#